data_5QBD
#
_entry.id   5QBD
#
_cell.length_a   45.223
_cell.length_b   73.057
_cell.length_c   52.792
_cell.angle_alpha   90.000
_cell.angle_beta   109.730
_cell.angle_gamma   90.000
#
_symmetry.space_group_name_H-M   'P 1 21 1'
#
loop_
_entity.id
_entity.type
_entity.pdbx_description
1 polymer Endothiapepsin
2 non-polymer GLYCEROL
3 non-polymer 'DIMETHYL SULFOXIDE'
4 non-polymer (1R,2S,3R,4R)-3-amino-4-cyclohexylcyclopentane-1,2-diol
5 water water
#
_entity_poly.entity_id   1
_entity_poly.type   'polypeptide(L)'
_entity_poly.pdbx_seq_one_letter_code
;STGSATTTPIDSLDDAYITPVQIGTPAQTLNLDFDTGSSDLWVFSSETTASEVDGQTIYTPSKSTTAKLLSGATWSISYG
DGSSSSGDVYTDTVSVGGLTVTGQAVESAKKVSSSFTEDSTIDGLLGLAFSTLNTVSPTQQKTFFDNAKASLDSPVFTAD
LGYHAPGTYNFGFIDTTAYTGSITYTAVSTKQGFWEWTSTGYAVGSGTFKSTSIDGIADTGTTLLYLPATVVSAYWAQVS
GAKSSSSVGGYVFPCSATLPSFTFGVGSARIVIPGDYIDFGPISTGSSSCFGGIQSSAGIGINIFGDVALKAAFVVFNGA
TTPTLGFASK
;
_entity_poly.pdbx_strand_id   A
#
loop_
_chem_comp.id
_chem_comp.type
_chem_comp.name
_chem_comp.formula
D8A non-polymer (1R,2S,3R,4R)-3-amino-4-cyclohexylcyclopentane-1,2-diol 'C11 H21 N O2'
DMS non-polymer 'DIMETHYL SULFOXIDE' 'C2 H6 O S'
GOL non-polymer GLYCEROL 'C3 H8 O3'
#
# COMPACT_ATOMS: atom_id res chain seq x y z
N SER A 1 22.17 4.72 8.49
CA SER A 1 21.01 4.78 9.38
C SER A 1 19.97 3.74 9.02
N THR A 2 19.08 3.45 9.98
CA THR A 2 17.92 2.59 9.72
C THR A 2 16.68 3.14 10.43
N GLY A 3 15.51 2.65 10.05
CA GLY A 3 14.29 2.92 10.80
C GLY A 3 13.44 1.67 10.85
N SER A 4 12.60 1.57 11.88
CA SER A 4 11.73 0.42 12.02
C SER A 4 10.48 0.86 12.75
N ALA A 5 9.32 0.69 12.10
CA ALA A 5 8.06 1.11 12.69
C ALA A 5 7.01 0.02 12.54
N THR A 6 6.14 -0.09 13.55
CA THR A 6 5.04 -1.04 13.50
C THR A 6 3.90 -0.47 12.69
N THR A 7 3.30 -1.31 11.86
CA THR A 7 2.13 -0.91 11.09
C THR A 7 0.95 -1.76 11.54
N THR A 8 -0.22 -1.12 11.66
CA THR A 8 -1.36 -1.71 12.36
C THR A 8 -2.60 -1.61 11.49
N PRO A 9 -3.35 -2.71 11.35
CA PRO A 9 -4.60 -2.65 10.58
CA PRO A 9 -4.58 -2.63 10.56
C PRO A 9 -5.56 -1.63 11.18
N ILE A 10 -6.27 -0.89 10.35
CA ILE A 10 -7.20 0.11 10.86
C ILE A 10 -8.51 -0.47 11.36
N ASP A 11 -8.80 -1.71 10.96
CA ASP A 11 -10.04 -2.37 11.36
C ASP A 11 -9.91 -3.88 11.26
N SER A 12 -11.00 -4.59 11.56
CA SER A 12 -10.98 -6.04 11.66
C SER A 12 -10.80 -6.75 10.30
N LEU A 13 -10.90 -6.00 9.21
CA LEU A 13 -10.81 -6.56 7.87
C LEU A 13 -9.45 -6.33 7.23
N ASP A 14 -8.56 -5.62 7.92
CA ASP A 14 -7.28 -5.19 7.32
C ASP A 14 -7.54 -4.33 6.08
N ASP A 15 -8.50 -3.41 6.17
CA ASP A 15 -8.83 -2.55 5.03
C ASP A 15 -7.64 -1.68 4.63
N ALA A 16 -6.84 -1.31 5.63
CA ALA A 16 -5.65 -0.52 5.43
C ALA A 16 -4.81 -0.62 6.69
N TYR A 17 -3.58 -0.13 6.59
CA TYR A 17 -2.63 -0.19 7.69
C TYR A 17 -2.12 1.22 7.99
N ILE A 18 -2.00 1.55 9.27
CA ILE A 18 -1.46 2.85 9.64
C ILE A 18 -0.18 2.70 10.43
N THR A 19 0.71 3.66 10.21
CA THR A 19 2.04 3.64 10.79
C THR A 19 2.29 5.00 11.42
N PRO A 20 2.78 5.05 12.67
CA PRO A 20 2.98 6.36 13.29
C PRO A 20 4.19 7.07 12.69
N VAL A 21 4.02 8.36 12.43
CA VAL A 21 5.04 9.20 11.82
C VAL A 21 5.17 10.49 12.62
N GLN A 22 6.40 10.84 12.96
CA GLN A 22 6.67 12.06 13.71
C GLN A 22 6.95 13.20 12.74
N ILE A 23 6.19 14.28 12.85
CA ILE A 23 6.36 15.43 11.97
C ILE A 23 6.59 16.69 12.78
N GLY A 24 7.62 17.44 12.44
CA GLY A 24 7.86 18.73 13.06
C GLY A 24 8.60 18.72 14.38
N THR A 25 8.77 19.92 14.94
CA THR A 25 9.47 20.12 16.20
C THR A 25 8.69 21.08 17.09
N PRO A 26 8.23 20.63 18.28
CA PRO A 26 8.25 19.26 18.81
C PRO A 26 7.45 18.34 17.91
N ALA A 27 7.70 17.05 18.02
CA ALA A 27 7.06 16.07 17.16
C ALA A 27 5.53 16.14 17.28
N GLN A 28 4.88 16.10 16.12
CA GLN A 28 3.46 15.85 16.05
C GLN A 28 3.32 14.48 15.39
N THR A 29 2.76 13.53 16.13
CA THR A 29 2.68 12.17 15.62
C THR A 29 1.35 11.95 14.92
N LEU A 30 1.42 11.61 13.63
CA LEU A 30 0.23 11.29 12.85
C LEU A 30 0.31 9.85 12.36
N ASN A 31 -0.85 9.22 12.19
CA ASN A 31 -0.90 7.84 11.74
C ASN A 31 -1.16 7.83 10.26
N LEU A 32 -0.14 7.47 9.49
CA LEU A 32 -0.21 7.59 8.03
C LEU A 32 -0.33 6.23 7.38
N ASP A 33 -0.99 6.24 6.22
CA ASP A 33 -1.15 5.08 5.37
C ASP A 33 0.05 5.03 4.43
N PHE A 34 0.99 4.12 4.69
CA PHE A 34 2.18 3.96 3.83
C PHE A 34 1.76 3.33 2.53
N ASP A 35 2.01 4.02 1.42
CA ASP A 35 1.42 3.67 0.14
C ASP A 35 2.48 3.51 -0.94
N THR A 36 2.88 2.27 -1.25
CA THR A 36 3.90 2.06 -2.28
C THR A 36 3.33 2.30 -3.68
N GLY A 37 2.06 2.66 -3.77
CA GLY A 37 1.44 3.00 -5.04
C GLY A 37 1.26 4.48 -5.32
N SER A 38 1.78 5.34 -4.45
CA SER A 38 1.75 6.78 -4.71
C SER A 38 2.98 7.43 -4.12
N SER A 39 3.15 8.72 -4.36
CA SER A 39 4.43 9.36 -4.06
C SER A 39 4.29 10.72 -3.37
N ASP A 40 3.16 10.94 -2.73
CA ASP A 40 2.92 12.15 -1.97
C ASP A 40 2.83 11.81 -0.50
N LEU A 41 3.47 12.62 0.33
CA LEU A 41 3.28 12.56 1.77
C LEU A 41 2.35 13.72 2.11
N TRP A 42 1.08 13.41 2.37
CA TRP A 42 0.15 14.47 2.69
C TRP A 42 -0.58 14.16 3.99
N VAL A 43 -1.01 15.22 4.68
CA VAL A 43 -1.59 15.07 5.99
C VAL A 43 -2.82 15.95 6.17
N PHE A 44 -3.75 15.48 6.98
CA PHE A 44 -4.77 16.35 7.55
C PHE A 44 -4.04 17.42 8.32
N SER A 45 -4.56 18.65 8.30
CA SER A 45 -3.84 19.75 8.92
C SER A 45 -4.75 20.82 9.48
N SER A 46 -4.15 21.81 10.12
CA SER A 46 -4.87 22.97 10.61
C SER A 46 -5.50 23.76 9.46
N GLU A 47 -5.06 23.47 8.24
CA GLU A 47 -5.54 24.16 7.05
C GLU A 47 -6.69 23.43 6.36
N THR A 48 -6.97 22.19 6.78
CA THR A 48 -8.02 21.41 6.13
C THR A 48 -9.39 21.99 6.45
N THR A 49 -10.21 22.15 5.41
CA THR A 49 -11.59 22.62 5.56
C THR A 49 -12.25 21.91 6.74
N ALA A 50 -12.70 22.70 7.72
CA ALA A 50 -13.15 22.18 9.01
C ALA A 50 -14.21 21.08 8.88
N SER A 51 -15.17 21.29 8.01
CA SER A 51 -16.25 20.33 7.78
C SER A 51 -15.74 19.01 7.20
N GLU A 52 -14.51 19.00 6.72
CA GLU A 52 -13.95 17.80 6.10
C GLU A 52 -13.02 17.04 7.05
N VAL A 53 -12.90 17.54 8.27
CA VAL A 53 -12.16 16.83 9.31
C VAL A 53 -13.14 16.21 10.31
N ASP A 54 -13.01 14.90 10.54
CA ASP A 54 -13.90 14.18 11.44
C ASP A 54 -13.15 13.12 12.24
N GLY A 55 -12.40 13.58 13.23
CA GLY A 55 -11.71 12.68 14.14
C GLY A 55 -10.23 12.48 13.88
N GLN A 56 -9.75 12.91 12.73
CA GLN A 56 -8.34 12.74 12.40
C GLN A 56 -7.46 13.61 13.27
N THR A 57 -6.22 13.17 13.48
CA THR A 57 -5.19 13.99 14.09
C THR A 57 -4.62 14.89 13.03
N ILE A 58 -4.47 16.18 13.34
CA ILE A 58 -4.00 17.12 12.33
C ILE A 58 -2.60 17.64 12.60
N TYR A 59 -1.90 17.95 11.51
CA TYR A 59 -0.61 18.63 11.57
C TYR A 59 -0.82 20.13 11.60
N THR A 60 -0.21 20.79 12.57
CA THR A 60 -0.30 22.24 12.68
C THR A 60 1.08 22.84 12.44
N PRO A 61 1.35 23.26 11.20
CA PRO A 61 2.71 23.73 10.91
C PRO A 61 3.12 24.96 11.73
N SER A 62 2.18 25.80 12.11
CA SER A 62 2.52 27.00 12.89
C SER A 62 3.08 26.65 14.26
N LYS A 63 2.81 25.43 14.72
CA LYS A 63 3.34 24.95 15.99
C LYS A 63 4.67 24.23 15.86
N SER A 64 5.17 24.10 14.63
CA SER A 64 6.45 23.44 14.40
C SER A 64 7.55 24.44 14.08
N THR A 65 8.58 24.48 14.93
CA THR A 65 9.63 25.46 14.76
C THR A 65 10.51 25.19 13.54
N THR A 66 10.40 23.98 12.99
CA THR A 66 11.20 23.59 11.83
C THR A 66 10.37 23.61 10.54
N ALA A 67 9.09 23.96 10.65
CA ALA A 67 8.23 24.04 9.47
C ALA A 67 8.53 25.29 8.64
N LYS A 68 8.63 25.11 7.33
CA LYS A 68 8.82 26.22 6.40
C LYS A 68 7.84 26.07 5.25
N LEU A 69 7.06 27.11 4.99
CA LEU A 69 6.17 27.10 3.85
C LEU A 69 7.00 27.00 2.58
N LEU A 70 6.67 26.05 1.72
CA LEU A 70 7.33 25.94 0.43
C LEU A 70 6.60 26.86 -0.52
N SER A 71 7.16 28.04 -0.71
CA SER A 71 6.52 29.15 -1.41
C SER A 71 6.01 28.78 -2.79
N GLY A 72 4.71 28.98 -3.00
CA GLY A 72 4.11 28.79 -4.31
C GLY A 72 3.74 27.36 -4.66
N ALA A 73 4.10 26.42 -3.78
CA ALA A 73 3.88 25.01 -4.08
C ALA A 73 2.46 24.57 -3.72
N THR A 74 1.86 23.82 -4.64
CA THR A 74 0.55 23.23 -4.38
C THR A 74 0.60 21.78 -4.81
N TRP A 75 -0.40 21.02 -4.38
CA TRP A 75 -0.49 19.62 -4.76
C TRP A 75 -1.95 19.24 -4.90
N SER A 76 -2.19 18.21 -5.70
CA SER A 76 -3.54 17.73 -5.92
C SER A 76 -3.43 16.31 -6.44
N ILE A 77 -4.12 15.39 -5.78
CA ILE A 77 -3.97 13.99 -6.14
C ILE A 77 -5.34 13.33 -6.16
N SER A 78 -5.52 12.41 -7.11
CA SER A 78 -6.70 11.56 -7.10
C SER A 78 -6.24 10.12 -7.19
N TYR A 79 -6.85 9.26 -6.39
CA TYR A 79 -6.41 7.88 -6.30
C TYR A 79 -7.31 6.96 -7.09
N GLY A 80 -6.91 5.70 -7.21
CA GLY A 80 -7.62 4.73 -8.02
C GLY A 80 -9.04 4.44 -7.59
N ASP A 81 -9.35 4.71 -6.32
CA ASP A 81 -10.68 4.44 -5.78
C ASP A 81 -11.60 5.67 -5.90
N GLY A 82 -11.11 6.72 -6.55
CA GLY A 82 -11.93 7.90 -6.79
C GLY A 82 -11.79 8.97 -5.73
N SER A 83 -11.01 8.68 -4.69
CA SER A 83 -10.78 9.64 -3.63
C SER A 83 -9.73 10.65 -4.05
N SER A 84 -9.68 11.79 -3.36
CA SER A 84 -8.79 12.87 -3.73
C SER A 84 -8.49 13.79 -2.55
N SER A 85 -7.44 14.58 -2.71
CA SER A 85 -7.08 15.60 -1.74
C SER A 85 -6.16 16.62 -2.39
N SER A 86 -6.03 17.79 -1.77
CA SER A 86 -5.21 18.86 -2.35
C SER A 86 -4.87 19.90 -1.29
N GLY A 87 -3.83 20.69 -1.55
CA GLY A 87 -3.50 21.76 -0.63
C GLY A 87 -2.19 22.42 -0.96
N ASP A 88 -1.50 22.91 0.07
CA ASP A 88 -0.19 23.54 -0.11
C ASP A 88 0.88 22.69 0.55
N VAL A 89 2.11 23.22 0.61
CA VAL A 89 3.24 22.38 0.99
C VAL A 89 4.15 23.07 1.98
N TYR A 90 4.57 22.32 2.99
CA TYR A 90 5.63 22.75 3.89
C TYR A 90 6.82 21.81 3.75
N THR A 91 7.99 22.26 4.13
CA THR A 91 9.06 21.31 4.43
C THR A 91 9.19 21.24 5.94
N ASP A 92 9.49 20.05 6.45
CA ASP A 92 9.64 19.88 7.88
C ASP A 92 10.42 18.61 8.15
N THR A 93 10.75 18.39 9.41
CA THR A 93 11.44 17.18 9.80
C THR A 93 10.45 16.05 9.98
N VAL A 94 10.74 14.91 9.38
CA VAL A 94 9.85 13.76 9.43
C VAL A 94 10.65 12.56 9.87
N SER A 95 10.14 11.85 10.89
CA SER A 95 10.82 10.65 11.35
C SER A 95 9.89 9.46 11.34
N VAL A 96 10.40 8.32 10.90
CA VAL A 96 9.68 7.08 10.91
C VAL A 96 10.51 6.03 11.64
N GLY A 97 10.02 5.57 12.79
CA GLY A 97 10.68 4.51 13.50
C GLY A 97 12.15 4.77 13.78
N GLY A 98 12.50 6.01 14.11
CA GLY A 98 13.89 6.33 14.45
C GLY A 98 14.74 6.84 13.30
N LEU A 99 14.18 6.82 12.10
CA LEU A 99 14.87 7.33 10.90
C LEU A 99 14.36 8.73 10.58
N THR A 100 15.27 9.69 10.50
CA THR A 100 14.88 11.08 10.38
C THR A 100 15.28 11.70 9.04
N VAL A 101 14.35 12.40 8.41
CA VAL A 101 14.63 13.18 7.22
C VAL A 101 14.32 14.64 7.50
N THR A 102 15.30 15.50 7.28
CA THR A 102 15.06 16.94 7.40
C THR A 102 14.69 17.47 6.02
N GLY A 103 13.83 18.49 6.00
CA GLY A 103 13.47 19.14 4.76
C GLY A 103 12.53 18.32 3.91
N GLN A 104 11.83 17.37 4.53
CA GLN A 104 10.84 16.57 3.81
C GLN A 104 9.65 17.41 3.41
N ALA A 105 9.19 17.27 2.17
CA ALA A 105 7.96 17.92 1.74
C ALA A 105 6.78 17.26 2.46
N VAL A 106 6.08 18.06 3.26
CA VAL A 106 4.87 17.63 3.94
C VAL A 106 3.71 18.39 3.33
N GLU A 107 2.86 17.67 2.63
CA GLU A 107 1.80 18.30 1.86
C GLU A 107 0.58 18.47 2.73
N SER A 108 0.20 19.71 2.96
CA SER A 108 -0.88 20.03 3.89
C SER A 108 -2.21 20.08 3.16
N ALA A 109 -3.16 19.28 3.59
CA ALA A 109 -4.46 19.23 2.92
C ALA A 109 -5.30 20.44 3.24
N LYS A 110 -5.78 21.12 2.20
CA LYS A 110 -6.82 22.14 2.38
C LYS A 110 -8.18 21.50 2.08
N LYS A 111 -8.18 20.51 1.20
CA LYS A 111 -9.39 19.78 0.82
C LYS A 111 -9.13 18.29 0.81
N VAL A 112 -10.07 17.50 1.33
CA VAL A 112 -10.04 16.05 1.17
C VAL A 112 -11.42 15.58 0.74
N SER A 113 -11.47 14.47 0.01
CA SER A 113 -12.75 13.93 -0.44
C SER A 113 -13.44 13.19 0.72
N SER A 114 -14.71 12.88 0.54
CA SER A 114 -15.54 12.33 1.61
C SER A 114 -14.97 11.05 2.21
N SER A 115 -14.37 10.20 1.38
CA SER A 115 -13.88 8.92 1.87
C SER A 115 -12.73 9.10 2.87
N PHE A 116 -11.94 10.15 2.71
CA PHE A 116 -10.91 10.44 3.70
C PHE A 116 -11.53 11.00 4.98
N THR A 117 -12.47 11.92 4.82
CA THR A 117 -13.17 12.48 5.97
C THR A 117 -13.80 11.39 6.82
N GLU A 118 -14.42 10.43 6.16
CA GLU A 118 -15.20 9.40 6.83
C GLU A 118 -14.35 8.34 7.50
N ASP A 119 -13.05 8.36 7.22
CA ASP A 119 -12.13 7.43 7.87
C ASP A 119 -11.30 8.12 8.92
N SER A 120 -11.74 8.03 10.17
CA SER A 120 -11.13 8.76 11.26
C SER A 120 -9.75 8.23 11.63
N THR A 121 -9.41 7.04 11.15
CA THR A 121 -8.19 6.37 11.59
C THR A 121 -6.96 6.71 10.74
N ILE A 122 -7.17 7.33 9.59
CA ILE A 122 -6.05 7.65 8.71
C ILE A 122 -5.84 9.16 8.65
N ASP A 123 -4.67 9.59 9.12
CA ASP A 123 -4.36 11.02 9.23
C ASP A 123 -3.67 11.57 7.99
N GLY A 124 -3.44 10.69 7.01
CA GLY A 124 -2.78 11.09 5.79
C GLY A 124 -2.09 9.91 5.15
N LEU A 125 -1.35 10.17 4.07
CA LEU A 125 -0.64 9.12 3.35
C LEU A 125 0.85 9.42 3.31
N LEU A 126 1.65 8.37 3.27
CA LEU A 126 3.09 8.52 3.04
C LEU A 126 3.43 7.68 1.82
N GLY A 127 3.68 8.36 0.70
CA GLY A 127 3.92 7.68 -0.54
C GLY A 127 5.30 7.07 -0.64
N LEU A 128 5.37 5.86 -1.20
CA LEU A 128 6.63 5.14 -1.31
C LEU A 128 6.86 4.58 -2.72
N ALA A 129 6.09 5.09 -3.69
CA ALA A 129 6.39 4.81 -5.09
C ALA A 129 7.51 5.75 -5.52
N PHE A 130 7.77 5.83 -6.82
CA PHE A 130 8.92 6.61 -7.28
C PHE A 130 8.55 8.09 -7.37
N SER A 131 9.52 8.96 -7.08
CA SER A 131 9.23 10.38 -6.90
C SER A 131 8.71 11.05 -8.17
N THR A 132 8.89 10.38 -9.31
CA THR A 132 8.35 10.87 -10.57
C THR A 132 6.82 11.03 -10.54
N LEU A 133 6.15 10.33 -9.62
CA LEU A 133 4.70 10.44 -9.50
C LEU A 133 4.24 11.55 -8.55
N ASN A 134 5.19 12.21 -7.87
CA ASN A 134 4.81 13.23 -6.91
C ASN A 134 4.07 14.38 -7.58
N THR A 135 2.97 14.83 -6.97
CA THR A 135 2.11 15.81 -7.63
C THR A 135 2.41 17.27 -7.28
N VAL A 136 3.44 17.54 -6.49
CA VAL A 136 3.71 18.94 -6.13
C VAL A 136 4.11 19.77 -7.35
N SER A 137 3.47 20.93 -7.47
CA SER A 137 3.71 21.85 -8.57
C SER A 137 4.05 23.22 -8.00
N PRO A 138 4.97 23.95 -8.64
CA PRO A 138 5.65 23.68 -9.92
C PRO A 138 6.96 22.92 -9.77
N THR A 139 7.35 22.65 -8.54
CA THR A 139 8.58 21.91 -8.29
C THR A 139 8.26 20.57 -7.62
N GLN A 140 8.37 19.50 -8.39
CA GLN A 140 8.10 18.15 -7.89
C GLN A 140 9.00 17.83 -6.69
N GLN A 141 8.45 17.12 -5.72
CA GLN A 141 9.17 16.81 -4.48
C GLN A 141 9.50 15.32 -4.34
N LYS A 142 10.50 15.02 -3.53
CA LYS A 142 10.93 13.64 -3.32
C LYS A 142 10.15 12.95 -2.21
N THR A 143 10.00 11.63 -2.32
CA THR A 143 9.38 10.85 -1.25
C THR A 143 10.31 10.78 -0.05
N PHE A 144 9.75 10.37 1.08
CA PHE A 144 10.51 10.12 2.29
C PHE A 144 11.65 9.14 2.04
N PHE A 145 11.35 8.07 1.31
CA PHE A 145 12.36 7.05 1.02
C PHE A 145 13.47 7.60 0.14
N ASP A 146 13.11 8.34 -0.91
N ASP A 146 13.08 8.33 -0.89
CA ASP A 146 14.12 8.91 -1.78
CA ASP A 146 14.03 8.97 -1.81
C ASP A 146 15.03 9.88 -1.01
C ASP A 146 15.00 9.88 -1.04
N ASN A 147 14.46 10.66 -0.10
CA ASN A 147 15.26 11.58 0.69
C ASN A 147 16.18 10.82 1.66
N ALA A 148 15.70 9.70 2.18
CA ALA A 148 16.45 8.97 3.20
C ALA A 148 17.53 8.07 2.61
N LYS A 149 17.34 7.70 1.35
CA LYS A 149 18.07 6.59 0.74
C LYS A 149 19.59 6.62 0.89
N ALA A 150 20.20 7.77 0.63
CA ALA A 150 21.65 7.88 0.66
C ALA A 150 22.19 7.65 2.06
N SER A 151 21.38 7.94 3.06
CA SER A 151 21.79 7.82 4.46
CA SER A 151 21.81 7.82 4.45
C SER A 151 21.59 6.41 5.00
N LEU A 152 20.74 5.64 4.33
CA LEU A 152 20.41 4.30 4.80
C LEU A 152 21.62 3.35 4.69
N ASP A 153 21.70 2.39 5.62
CA ASP A 153 22.74 1.36 5.55
C ASP A 153 22.70 0.66 4.20
N SER A 154 21.49 0.34 3.77
CA SER A 154 21.22 -0.22 2.45
CA SER A 154 21.23 -0.20 2.44
C SER A 154 20.01 0.52 1.88
N PRO A 155 20.02 0.80 0.57
CA PRO A 155 18.94 1.59 -0.05
C PRO A 155 17.66 0.80 -0.27
N VAL A 156 17.06 0.33 0.82
CA VAL A 156 15.90 -0.55 0.74
C VAL A 156 14.88 -0.20 1.82
N PHE A 157 13.62 -0.57 1.58
CA PHE A 157 12.70 -0.67 2.70
C PHE A 157 11.91 -1.95 2.54
N THR A 158 11.37 -2.46 3.63
CA THR A 158 10.64 -3.73 3.58
C THR A 158 9.27 -3.57 4.18
N ALA A 159 8.32 -4.29 3.59
CA ALA A 159 6.95 -4.31 4.08
C ALA A 159 6.62 -5.71 4.59
N ASP A 160 6.17 -5.76 5.84
CA ASP A 160 5.83 -7.02 6.49
C ASP A 160 4.46 -6.85 7.12
N LEU A 161 3.42 -6.91 6.30
CA LEU A 161 2.06 -6.67 6.77
C LEU A 161 1.50 -7.90 7.42
N GLY A 162 0.76 -7.70 8.52
CA GLY A 162 0.15 -8.79 9.25
C GLY A 162 -1.25 -9.09 8.76
N TYR A 163 -1.67 -10.33 8.94
CA TYR A 163 -3.06 -10.72 8.75
C TYR A 163 -3.77 -10.60 10.08
N HIS A 164 -4.70 -9.67 10.17
CA HIS A 164 -5.43 -9.42 11.42
C HIS A 164 -4.47 -9.18 12.59
N ALA A 165 -3.33 -8.54 12.29
CA ALA A 165 -2.27 -8.39 13.29
C ALA A 165 -1.34 -7.28 12.86
N PRO A 166 -0.61 -6.69 13.82
CA PRO A 166 0.39 -5.71 13.43
C PRO A 166 1.53 -6.31 12.62
N GLY A 167 2.25 -5.45 11.93
CA GLY A 167 3.40 -5.83 11.14
C GLY A 167 4.44 -4.74 11.23
N THR A 168 5.34 -4.70 10.24
CA THR A 168 6.52 -3.84 10.34
C THR A 168 6.92 -3.26 8.99
N TYR A 169 7.26 -1.97 9.00
CA TYR A 169 7.98 -1.34 7.90
C TYR A 169 9.39 -1.08 8.38
N ASN A 170 10.38 -1.62 7.69
CA ASN A 170 11.79 -1.35 8.00
C ASN A 170 12.44 -0.54 6.90
N PHE A 171 13.33 0.36 7.29
CA PHE A 171 14.07 1.16 6.33
C PHE A 171 15.54 0.94 6.52
N GLY A 172 16.23 0.59 5.43
CA GLY A 172 17.68 0.56 5.44
C GLY A 172 18.30 -0.78 5.78
N PHE A 173 17.49 -1.78 6.09
CA PHE A 173 18.01 -3.10 6.41
C PHE A 173 16.98 -4.18 6.20
N ILE A 174 17.47 -5.40 6.02
CA ILE A 174 16.60 -6.56 5.86
C ILE A 174 16.69 -7.44 7.11
N ASP A 175 15.57 -7.59 7.80
CA ASP A 175 15.51 -8.41 9.00
C ASP A 175 15.44 -9.88 8.61
N THR A 176 16.57 -10.57 8.71
CA THR A 176 16.62 -11.95 8.24
C THR A 176 15.86 -12.92 9.14
N THR A 177 15.37 -12.44 10.27
CA THR A 177 14.55 -13.28 11.15
C THR A 177 13.06 -13.16 10.85
N ALA A 178 12.70 -12.30 9.89
CA ALA A 178 11.30 -11.96 9.65
C ALA A 178 10.65 -12.80 8.55
N TYR A 179 11.41 -13.72 7.96
CA TYR A 179 10.87 -14.54 6.87
C TYR A 179 11.48 -15.94 6.90
N THR A 180 10.85 -16.85 6.18
CA THR A 180 11.38 -18.21 6.05
C THR A 180 11.98 -18.40 4.67
N GLY A 181 12.84 -19.42 4.53
CA GLY A 181 13.45 -19.69 3.24
C GLY A 181 14.27 -18.52 2.74
N SER A 182 14.27 -18.32 1.43
CA SER A 182 15.05 -17.26 0.82
CA SER A 182 15.05 -17.26 0.82
C SER A 182 14.16 -16.18 0.20
N ILE A 183 14.75 -15.02 -0.02
CA ILE A 183 14.07 -13.94 -0.72
C ILE A 183 14.32 -14.12 -2.20
N THR A 184 13.27 -14.18 -3.00
CA THR A 184 13.42 -14.22 -4.44
C THR A 184 13.21 -12.83 -5.02
N TYR A 185 14.22 -12.35 -5.73
CA TYR A 185 14.16 -11.03 -6.33
C TYR A 185 13.72 -11.08 -7.77
N THR A 186 13.05 -10.03 -8.21
CA THR A 186 12.44 -10.00 -9.52
C THR A 186 12.54 -8.58 -10.08
N ALA A 187 12.63 -8.47 -11.40
CA ALA A 187 12.86 -7.17 -12.02
C ALA A 187 11.70 -6.20 -11.85
N VAL A 188 12.04 -4.91 -11.80
CA VAL A 188 11.07 -3.84 -11.65
C VAL A 188 11.18 -2.89 -12.83
N SER A 189 10.04 -2.48 -13.37
CA SER A 189 9.98 -1.36 -14.29
C SER A 189 9.48 -0.13 -13.57
N THR A 190 10.22 0.98 -13.70
CA THR A 190 9.82 2.23 -13.10
C THR A 190 9.17 3.17 -14.11
N LYS A 191 8.88 2.64 -15.29
CA LYS A 191 8.39 3.46 -16.41
C LYS A 191 7.09 4.19 -16.10
N GLN A 192 6.25 3.60 -15.25
CA GLN A 192 4.99 4.23 -14.87
C GLN A 192 5.06 4.78 -13.46
N GLY A 193 6.26 4.78 -12.87
CA GLY A 193 6.45 5.35 -11.55
C GLY A 193 6.08 4.43 -10.41
N PHE A 194 5.70 3.20 -10.72
CA PHE A 194 5.32 2.22 -9.71
C PHE A 194 6.38 1.15 -9.47
N TRP A 195 6.21 0.39 -8.41
CA TRP A 195 6.97 -0.83 -8.21
C TRP A 195 6.31 -1.92 -9.06
N GLU A 196 6.58 -1.86 -10.35
CA GLU A 196 5.90 -2.70 -11.32
C GLU A 196 6.76 -3.92 -11.63
N TRP A 197 6.16 -5.10 -11.59
CA TRP A 197 6.91 -6.33 -11.79
C TRP A 197 6.03 -7.34 -12.50
N THR A 198 6.61 -8.50 -12.84
CA THR A 198 5.85 -9.51 -13.58
C THR A 198 5.84 -10.83 -12.84
N SER A 199 4.67 -11.19 -12.33
CA SER A 199 4.48 -12.48 -11.70
C SER A 199 4.56 -13.57 -12.76
N THR A 200 5.06 -14.73 -12.36
CA THR A 200 5.26 -15.84 -13.29
C THR A 200 4.06 -16.79 -13.39
N GLY A 201 3.00 -16.51 -12.64
CA GLY A 201 1.79 -17.29 -12.78
C GLY A 201 1.04 -17.50 -11.49
N TYR A 202 0.12 -18.47 -11.48
CA TYR A 202 -0.73 -18.64 -10.31
C TYR A 202 -1.26 -20.06 -10.16
N ALA A 203 -1.73 -20.37 -8.96
CA ALA A 203 -2.50 -21.59 -8.75
C ALA A 203 -3.69 -21.28 -7.85
N VAL A 204 -4.75 -22.07 -7.99
CA VAL A 204 -5.91 -21.94 -7.12
C VAL A 204 -6.01 -23.17 -6.22
N GLY A 205 -6.00 -22.92 -4.91
CA GLY A 205 -6.00 -24.01 -3.95
C GLY A 205 -4.90 -25.00 -4.23
N SER A 206 -5.25 -26.29 -4.26
CA SER A 206 -4.27 -27.34 -4.49
C SER A 206 -4.09 -27.63 -5.98
N GLY A 207 -4.64 -26.77 -6.82
CA GLY A 207 -4.59 -26.97 -8.26
C GLY A 207 -3.21 -26.81 -8.86
N THR A 208 -3.06 -27.21 -10.11
CA THR A 208 -1.79 -27.10 -10.80
C THR A 208 -1.43 -25.65 -11.07
N PHE A 209 -0.15 -25.34 -11.02
CA PHE A 209 0.32 -23.99 -11.26
C PHE A 209 0.24 -23.65 -12.75
N LYS A 210 -0.36 -22.51 -13.04
CA LYS A 210 -0.44 -21.99 -14.41
C LYS A 210 0.67 -21.00 -14.66
N SER A 211 1.59 -21.34 -15.56
CA SER A 211 2.68 -20.44 -15.91
C SER A 211 2.17 -19.40 -16.89
N THR A 212 2.16 -18.15 -16.45
CA THR A 212 1.68 -17.06 -17.28
C THR A 212 2.16 -15.75 -16.69
N SER A 213 2.60 -14.85 -17.56
CA SER A 213 3.13 -13.58 -17.09
C SER A 213 2.02 -12.62 -16.69
N ILE A 214 2.09 -12.14 -15.46
CA ILE A 214 1.10 -11.17 -14.97
C ILE A 214 1.81 -9.91 -14.49
N ASP A 215 1.75 -8.85 -15.30
CA ASP A 215 2.35 -7.57 -14.96
CA ASP A 215 2.36 -7.59 -14.95
C ASP A 215 1.49 -6.83 -13.96
N GLY A 216 2.08 -6.35 -12.88
CA GLY A 216 1.29 -5.63 -11.91
C GLY A 216 2.16 -4.83 -10.98
N ILE A 217 1.52 -4.11 -10.05
CA ILE A 217 2.29 -3.27 -9.14
C ILE A 217 2.15 -3.77 -7.70
N ALA A 218 3.23 -3.64 -6.94
CA ALA A 218 3.20 -3.94 -5.51
C ALA A 218 2.73 -2.69 -4.79
N ASP A 219 1.51 -2.73 -4.27
CA ASP A 219 0.83 -1.53 -3.78
C ASP A 219 0.25 -1.72 -2.37
N THR A 220 1.00 -1.28 -1.37
CA THR A 220 0.54 -1.41 0.00
C THR A 220 -0.70 -0.55 0.29
N GLY A 221 -0.95 0.44 -0.57
CA GLY A 221 -2.08 1.33 -0.37
C GLY A 221 -3.40 0.85 -0.96
N THR A 222 -3.39 -0.31 -1.59
CA THR A 222 -4.60 -0.94 -2.09
C THR A 222 -4.91 -2.16 -1.24
N THR A 223 -6.17 -2.29 -0.83
CA THR A 223 -6.56 -3.37 0.06
C THR A 223 -6.49 -4.74 -0.60
N LEU A 224 -7.03 -4.83 -1.81
CA LEU A 224 -7.28 -6.12 -2.42
C LEU A 224 -6.28 -6.51 -3.50
N LEU A 225 -6.45 -7.73 -3.97
CA LEU A 225 -5.64 -8.26 -5.07
C LEU A 225 -6.45 -8.16 -6.35
N TYR A 226 -6.00 -7.34 -7.31
CA TYR A 226 -6.69 -7.15 -8.58
C TYR A 226 -5.93 -7.80 -9.71
N LEU A 227 -6.58 -8.75 -10.37
CA LEU A 227 -5.90 -9.59 -11.36
C LEU A 227 -6.76 -9.71 -12.61
N PRO A 228 -6.19 -10.22 -13.71
CA PRO A 228 -6.99 -10.31 -14.93
C PRO A 228 -8.25 -11.15 -14.74
N ALA A 229 -9.28 -10.82 -15.51
CA ALA A 229 -10.59 -11.47 -15.38
C ALA A 229 -10.52 -12.99 -15.49
N THR A 230 -9.66 -13.49 -16.37
CA THR A 230 -9.52 -14.93 -16.55
C THR A 230 -9.06 -15.61 -15.26
N VAL A 231 -8.08 -15.00 -14.62
CA VAL A 231 -7.51 -15.53 -13.38
C VAL A 231 -8.53 -15.48 -12.26
N VAL A 232 -9.18 -14.33 -12.12
CA VAL A 232 -10.17 -14.13 -11.07
C VAL A 232 -11.37 -15.08 -11.24
N SER A 233 -11.79 -15.29 -12.48
CA SER A 233 -12.88 -16.22 -12.74
C SER A 233 -12.48 -17.64 -12.36
N ALA A 234 -11.25 -18.02 -12.70
CA ALA A 234 -10.74 -19.33 -12.33
C ALA A 234 -10.72 -19.52 -10.81
N TYR A 235 -10.39 -18.46 -10.07
CA TYR A 235 -10.39 -18.55 -8.62
C TYR A 235 -11.81 -18.76 -8.09
N TRP A 236 -12.74 -17.87 -8.44
CA TRP A 236 -14.07 -17.90 -7.81
C TRP A 236 -14.90 -19.08 -8.29
N ALA A 237 -14.53 -19.67 -9.41
CA ALA A 237 -15.17 -20.90 -9.87
C ALA A 237 -15.00 -22.06 -8.88
N GLN A 238 -14.00 -21.95 -8.00
CA GLN A 238 -13.75 -23.01 -7.01
C GLN A 238 -14.50 -22.76 -5.70
N VAL A 239 -15.33 -21.73 -5.68
CA VAL A 239 -16.11 -21.40 -4.49
C VAL A 239 -17.59 -21.52 -4.80
N SER A 240 -18.25 -22.51 -4.22
CA SER A 240 -19.66 -22.74 -4.51
CA SER A 240 -19.65 -22.74 -4.54
C SER A 240 -20.49 -21.51 -4.19
N GLY A 241 -21.28 -21.07 -5.17
CA GLY A 241 -22.16 -19.94 -4.97
C GLY A 241 -21.55 -18.58 -5.22
N ALA A 242 -20.24 -18.53 -5.48
CA ALA A 242 -19.59 -17.25 -5.73
C ALA A 242 -20.04 -16.71 -7.09
N LYS A 243 -20.14 -15.39 -7.19
CA LYS A 243 -20.52 -14.78 -8.46
C LYS A 243 -20.11 -13.34 -8.51
N SER A 244 -20.00 -12.79 -9.71
CA SER A 244 -19.70 -11.38 -9.83
C SER A 244 -21.01 -10.60 -9.78
N SER A 245 -21.09 -9.64 -8.86
CA SER A 245 -22.27 -8.81 -8.70
C SER A 245 -22.00 -7.39 -9.17
N SER A 246 -22.71 -6.97 -10.21
CA SER A 246 -22.57 -5.61 -10.73
C SER A 246 -23.09 -4.59 -9.72
N SER A 247 -24.13 -4.96 -8.97
CA SER A 247 -24.70 -4.05 -8.00
C SER A 247 -23.76 -3.83 -6.80
N VAL A 248 -23.08 -4.90 -6.38
CA VAL A 248 -22.13 -4.78 -5.27
C VAL A 248 -20.79 -4.22 -5.77
N GLY A 249 -20.40 -4.58 -6.99
CA GLY A 249 -19.17 -4.05 -7.55
C GLY A 249 -18.01 -5.03 -7.54
N GLY A 250 -18.32 -6.33 -7.60
CA GLY A 250 -17.31 -7.35 -7.68
C GLY A 250 -17.80 -8.72 -7.30
N TYR A 251 -16.88 -9.65 -7.19
CA TYR A 251 -17.21 -11.00 -6.75
C TYR A 251 -17.60 -11.02 -5.30
N VAL A 252 -18.72 -11.70 -5.04
CA VAL A 252 -19.20 -11.96 -3.70
C VAL A 252 -19.34 -13.45 -3.55
N PHE A 253 -19.40 -13.93 -2.32
CA PHE A 253 -19.48 -15.37 -2.08
C PHE A 253 -20.26 -15.62 -0.79
N PRO A 254 -20.85 -16.81 -0.66
CA PRO A 254 -21.59 -17.13 0.56
C PRO A 254 -20.67 -17.07 1.78
N CYS A 255 -21.08 -16.34 2.81
CA CYS A 255 -20.19 -16.23 3.97
C CYS A 255 -19.93 -17.60 4.64
N SER A 256 -20.76 -18.60 4.34
CA SER A 256 -20.56 -19.95 4.85
C SER A 256 -19.46 -20.73 4.11
N ALA A 257 -18.91 -20.13 3.05
CA ALA A 257 -17.93 -20.84 2.24
C ALA A 257 -16.58 -20.96 2.94
N THR A 258 -15.86 -22.02 2.59
CA THR A 258 -14.45 -22.12 2.92
C THR A 258 -13.64 -21.76 1.69
N LEU A 259 -12.88 -20.67 1.75
CA LEU A 259 -12.15 -20.19 0.57
C LEU A 259 -10.87 -20.98 0.33
N PRO A 260 -10.57 -21.28 -0.94
CA PRO A 260 -9.28 -21.88 -1.28
C PRO A 260 -8.16 -20.85 -1.23
N SER A 261 -6.93 -21.33 -1.05
CA SER A 261 -5.77 -20.48 -1.12
C SER A 261 -5.56 -19.99 -2.54
N PHE A 262 -4.72 -18.96 -2.69
CA PHE A 262 -4.29 -18.49 -3.99
C PHE A 262 -2.79 -18.36 -3.98
N THR A 263 -2.13 -18.98 -4.94
CA THR A 263 -0.67 -18.91 -5.04
C THR A 263 -0.25 -18.02 -6.21
N PHE A 264 0.71 -17.13 -5.99
CA PHE A 264 1.27 -16.41 -7.13
C PHE A 264 2.78 -16.64 -7.24
N GLY A 265 3.28 -16.60 -8.48
CA GLY A 265 4.68 -16.88 -8.71
C GLY A 265 5.55 -15.64 -8.67
N VAL A 266 6.73 -15.79 -8.08
CA VAL A 266 7.79 -14.81 -8.15
C VAL A 266 9.00 -15.56 -8.65
N GLY A 267 9.32 -15.41 -9.93
CA GLY A 267 10.32 -16.26 -10.54
C GLY A 267 9.90 -17.71 -10.33
N SER A 268 10.83 -18.54 -9.88
CA SER A 268 10.54 -19.94 -9.64
C SER A 268 9.91 -20.16 -8.24
N ALA A 269 9.84 -19.09 -7.46
CA ALA A 269 9.29 -19.18 -6.10
C ALA A 269 7.77 -19.01 -6.11
N ARG A 270 7.15 -19.37 -4.99
CA ARG A 270 5.70 -19.34 -4.88
C ARG A 270 5.29 -18.71 -3.55
N ILE A 271 4.38 -17.74 -3.62
CA ILE A 271 3.81 -17.16 -2.42
C ILE A 271 2.37 -17.62 -2.29
N VAL A 272 2.05 -18.20 -1.14
CA VAL A 272 0.71 -18.74 -0.94
C VAL A 272 -0.14 -17.84 -0.06
N ILE A 273 -1.22 -17.32 -0.63
CA ILE A 273 -2.21 -16.55 0.13
C ILE A 273 -3.27 -17.48 0.72
N PRO A 274 -3.30 -17.64 2.04
CA PRO A 274 -4.32 -18.50 2.64
C PRO A 274 -5.73 -18.04 2.30
N GLY A 275 -6.65 -18.97 2.15
CA GLY A 275 -8.02 -18.64 1.83
C GLY A 275 -8.66 -17.59 2.72
N ASP A 276 -8.40 -17.61 4.03
CA ASP A 276 -9.01 -16.65 4.95
CA ASP A 276 -9.12 -16.64 4.86
C ASP A 276 -8.61 -15.21 4.64
N TYR A 277 -7.45 -15.05 4.00
CA TYR A 277 -6.98 -13.71 3.66
C TYR A 277 -7.87 -13.04 2.62
N ILE A 278 -8.65 -13.87 1.91
CA ILE A 278 -9.41 -13.44 0.76
C ILE A 278 -10.87 -13.11 1.17
N ASP A 279 -11.18 -13.28 2.45
CA ASP A 279 -12.52 -12.97 2.97
C ASP A 279 -12.60 -11.54 3.50
N PHE A 280 -13.43 -10.69 2.88
CA PHE A 280 -13.58 -9.32 3.38
C PHE A 280 -14.95 -9.05 3.95
N GLY A 281 -15.61 -10.12 4.35
CA GLY A 281 -16.75 -10.02 5.24
C GLY A 281 -18.04 -9.61 4.55
N PRO A 282 -19.12 -9.54 5.33
CA PRO A 282 -20.45 -9.22 4.80
C PRO A 282 -20.45 -7.92 3.99
N ILE A 283 -21.16 -7.94 2.86
CA ILE A 283 -21.19 -6.77 1.99
C ILE A 283 -21.86 -5.59 2.67
N SER A 284 -22.77 -5.90 3.60
CA SER A 284 -23.43 -4.92 4.46
C SER A 284 -23.67 -5.62 5.79
N THR A 285 -23.83 -4.86 6.86
CA THR A 285 -23.99 -5.47 8.17
C THR A 285 -25.15 -6.46 8.20
N GLY A 286 -24.86 -7.68 8.66
CA GLY A 286 -25.88 -8.70 8.79
C GLY A 286 -26.09 -9.54 7.55
N SER A 287 -25.45 -9.17 6.45
CA SER A 287 -25.62 -9.93 5.22
C SER A 287 -24.89 -11.25 5.28
N SER A 288 -25.43 -12.26 4.58
CA SER A 288 -24.72 -13.53 4.45
C SER A 288 -23.95 -13.62 3.14
N SER A 289 -23.89 -12.51 2.41
CA SER A 289 -23.05 -12.42 1.23
CA SER A 289 -23.05 -12.42 1.22
C SER A 289 -21.78 -11.68 1.61
N CYS A 290 -20.63 -12.27 1.29
CA CYS A 290 -19.33 -11.69 1.68
C CYS A 290 -18.58 -11.18 0.47
N PHE A 291 -17.77 -10.16 0.68
CA PHE A 291 -17.02 -9.59 -0.43
C PHE A 291 -15.67 -10.28 -0.61
N GLY A 292 -15.35 -10.60 -1.86
CA GLY A 292 -14.11 -11.28 -2.18
C GLY A 292 -12.84 -10.41 -2.18
N GLY A 293 -11.73 -11.00 -1.78
CA GLY A 293 -10.46 -10.28 -1.69
C GLY A 293 -9.63 -10.32 -2.96
N ILE A 294 -10.09 -11.10 -3.93
CA ILE A 294 -9.50 -11.14 -5.25
C ILE A 294 -10.55 -10.66 -6.23
N GLN A 295 -10.21 -9.62 -6.98
CA GLN A 295 -11.18 -8.99 -7.85
C GLN A 295 -10.55 -8.74 -9.21
N SER A 296 -11.39 -8.53 -10.21
CA SER A 296 -10.91 -8.27 -11.56
C SER A 296 -10.27 -6.89 -11.69
N SER A 297 -9.15 -6.83 -12.40
CA SER A 297 -8.49 -5.57 -12.73
C SER A 297 -8.98 -4.97 -14.05
N ALA A 298 -9.95 -5.62 -14.68
N ALA A 298 -9.92 -5.65 -14.69
CA ALA A 298 -10.35 -5.26 -16.05
CA ALA A 298 -10.48 -5.15 -15.93
C ALA A 298 -10.65 -3.77 -16.25
C ALA A 298 -11.18 -3.83 -15.65
N GLY A 299 -11.29 -3.15 -15.27
N GLY A 299 -10.80 -2.79 -16.38
CA GLY A 299 -11.68 -1.76 -15.40
CA GLY A 299 -11.31 -1.47 -16.13
C GLY A 299 -10.71 -0.77 -14.78
C GLY A 299 -10.29 -0.60 -15.41
N ILE A 300 -9.48 -1.21 -14.56
CA ILE A 300 -8.46 -0.42 -13.88
CA ILE A 300 -8.43 -0.46 -13.86
C ILE A 300 -7.32 -0.04 -14.81
N GLY A 301 -6.91 -0.98 -15.67
CA GLY A 301 -5.85 -0.71 -16.61
C GLY A 301 -4.51 -1.27 -16.14
N ILE A 302 -4.50 -1.82 -14.93
N ILE A 302 -4.51 -1.82 -14.93
CA ILE A 302 -3.28 -2.42 -14.39
CA ILE A 302 -3.29 -2.40 -14.36
C ILE A 302 -3.65 -3.43 -13.31
C ILE A 302 -3.67 -3.46 -13.33
N ASN A 303 -2.83 -4.47 -13.17
CA ASN A 303 -3.02 -5.45 -12.12
C ASN A 303 -2.38 -4.92 -10.85
N ILE A 304 -2.99 -5.19 -9.71
CA ILE A 304 -2.51 -4.61 -8.46
C ILE A 304 -2.33 -5.69 -7.42
N PHE A 305 -1.08 -5.91 -7.02
CA PHE A 305 -0.80 -6.76 -5.88
C PHE A 305 -0.90 -5.93 -4.62
N GLY A 306 -2.12 -5.85 -4.10
CA GLY A 306 -2.39 -5.06 -2.92
C GLY A 306 -2.17 -5.87 -1.65
N ASP A 307 -2.74 -5.37 -0.56
CA ASP A 307 -2.45 -5.94 0.77
C ASP A 307 -2.76 -7.44 0.85
N VAL A 308 -3.86 -7.87 0.23
CA VAL A 308 -4.21 -9.29 0.26
C VAL A 308 -3.03 -10.17 -0.17
N ALA A 309 -2.32 -9.74 -1.20
CA ALA A 309 -1.16 -10.49 -1.66
C ALA A 309 0.08 -10.21 -0.81
N LEU A 310 0.36 -8.94 -0.59
CA LEU A 310 1.59 -8.54 0.07
C LEU A 310 1.67 -9.05 1.51
N LYS A 311 0.54 -9.13 2.21
CA LYS A 311 0.61 -9.54 3.61
CA LYS A 311 0.54 -9.56 3.62
C LYS A 311 0.90 -11.04 3.75
N ALA A 312 0.87 -11.78 2.64
CA ALA A 312 1.26 -13.17 2.66
C ALA A 312 2.78 -13.32 2.52
N ALA A 313 3.49 -12.22 2.37
CA ALA A 313 4.92 -12.24 2.09
C ALA A 313 5.68 -11.24 2.93
N PHE A 314 6.99 -11.45 2.98
CA PHE A 314 7.94 -10.45 3.40
C PHE A 314 8.44 -9.81 2.11
N VAL A 315 8.24 -8.51 1.96
CA VAL A 315 8.49 -7.87 0.67
C VAL A 315 9.59 -6.83 0.79
N VAL A 316 10.59 -6.97 -0.09
CA VAL A 316 11.71 -6.04 -0.12
C VAL A 316 11.55 -5.08 -1.28
N PHE A 317 11.52 -3.80 -0.98
CA PHE A 317 11.53 -2.78 -2.01
C PHE A 317 12.96 -2.27 -2.11
N ASN A 318 13.68 -2.80 -3.09
CA ASN A 318 15.09 -2.49 -3.26
C ASN A 318 15.28 -1.27 -4.15
N GLY A 319 15.75 -0.18 -3.55
CA GLY A 319 15.86 1.09 -4.25
C GLY A 319 17.26 1.38 -4.78
N ALA A 320 18.00 0.32 -5.09
CA ALA A 320 19.31 0.46 -5.73
C ALA A 320 19.17 1.14 -7.08
N THR A 321 20.29 1.45 -7.72
CA THR A 321 20.30 2.17 -8.97
C THR A 321 19.34 1.53 -9.98
N THR A 322 19.38 0.21 -10.05
CA THR A 322 18.35 -0.55 -10.76
C THR A 322 17.48 -1.20 -9.71
N PRO A 323 16.29 -0.62 -9.46
CA PRO A 323 15.43 -1.19 -8.40
CA PRO A 323 15.43 -1.19 -8.40
CA PRO A 323 15.42 -1.19 -8.41
C PRO A 323 14.92 -2.59 -8.73
N THR A 324 14.70 -3.40 -7.69
CA THR A 324 14.14 -4.73 -7.81
C THR A 324 13.19 -4.94 -6.65
N LEU A 325 12.40 -6.00 -6.73
CA LEU A 325 11.47 -6.37 -5.68
CA LEU A 325 11.46 -6.36 -5.70
C LEU A 325 11.82 -7.76 -5.18
N GLY A 326 11.76 -7.96 -3.87
CA GLY A 326 12.03 -9.26 -3.31
C GLY A 326 10.82 -9.78 -2.55
N PHE A 327 10.53 -11.07 -2.69
CA PHE A 327 9.45 -11.72 -1.96
C PHE A 327 9.96 -12.95 -1.23
N ALA A 328 9.57 -13.09 0.03
CA ALA A 328 9.85 -14.32 0.79
C ALA A 328 8.56 -14.75 1.47
N SER A 329 8.42 -16.06 1.70
CA SER A 329 7.37 -16.56 2.55
C SER A 329 7.70 -16.22 4.00
N LYS A 330 6.73 -16.32 4.90
CA LYS A 330 7.00 -15.99 6.30
C LYS A 330 6.06 -16.76 7.22
C1 GOL B . 0.85 -17.16 5.13
O1 GOL B . 1.09 -18.32 5.88
C2 GOL B . 1.77 -17.19 3.92
O2 GOL B . 1.65 -18.43 3.25
C3 GOL B . 3.21 -17.02 4.41
O3 GOL B . 4.05 -16.88 3.29
C1 GOL C . -2.86 -5.60 20.28
O1 GOL C . -2.14 -6.81 20.37
C2 GOL C . -2.31 -4.83 19.08
O2 GOL C . -1.22 -4.03 19.49
C3 GOL C . -3.41 -3.96 18.49
O3 GOL C . -2.84 -3.00 17.62
C1 GOL D . -5.78 -23.93 -10.69
O1 GOL D . -4.55 -24.08 -10.02
C2 GOL D . -5.71 -22.75 -11.66
O2 GOL D . -6.84 -22.74 -12.49
C3 GOL D . -4.44 -22.82 -12.51
O3 GOL D . -4.51 -23.87 -13.44
S DMS E . -17.27 -13.87 7.54
O DMS E . -16.57 -12.69 6.94
C1 DMS E . -19.04 -13.53 7.70
C2 DMS E . -17.29 -15.24 6.36
C4 D8A F . -15.96 -5.03 1.81
C5 D8A F . -17.48 -5.05 1.86
C6 D8A F . -13.87 -3.59 1.45
C7 D8A F . -13.19 -4.32 0.28
C8 D8A F . -11.86 -3.62 0.01
C9 D8A F . -11.80 -2.51 1.05
C10 D8A F . -13.25 -2.19 1.31
O1 D8A F . -11.87 -3.06 -1.30
O D8A F . -11.12 -1.36 0.58
N D8A F . -13.43 -1.36 2.53
C3 D8A F . -15.41 -3.67 1.41
C2 D8A F . -16.02 -3.26 0.07
C1 D8A F . -17.54 -3.28 0.10
C D8A F . -18.08 -4.63 0.53
#